data_8RXV
#
_entry.id   8RXV
#
_cell.length_a   114.292
_cell.length_b   61.391
_cell.length_c   80.041
_cell.angle_alpha   90.00
_cell.angle_beta   111.37
_cell.angle_gamma   90.00
#
_symmetry.space_group_name_H-M   'C 1 2 1'
#
loop_
_entity.id
_entity.type
_entity.pdbx_description
1 polymer 'Transcriptional enhancer factor TEF-4'
2 non-polymer ~{N}-[2-(5-phenylmethoxy-1~{H}-indol-3-yl)ethyl]methanesulfonamide
3 water water
#
_entity_poly.entity_id   1
_entity_poly.type   'polypeptide(L)'
_entity_poly.pdbx_seq_one_letter_code
;MAWQARGLGTARLQLVEFSAFVEPPDAVDSYQRHLFVHISQHCPSPGAPPLESVDVRQIYDKFPEKKGGLRELYDRGPPH
AFFLVKFWADLNWGPSGEEAGAGGSISSGGFYGVSSQYESLEHMTLTCSSKVCSFGKQVVEKVETERAQLEDGRFVYRLL
RSPMCEYLVNFLHKLRQLPERYMMNSVLENFTILQVVTNRDTQELLLCTAYVFEVSTSERGAQHHIYRLVRDVEHHHHHH
;
_entity_poly.pdbx_strand_id   A,B
#
loop_
_chem_comp.id
_chem_comp.type
_chem_comp.name
_chem_comp.formula
A1H3W non-polymer ~{N}-[2-(5-phenylmethoxy-1~{H}-indol-3-yl)ethyl]methanesulfonamide 'C18 H20 N2 O3 S'
#
# COMPACT_ATOMS: atom_id res chain seq x y z
N GLY A 7 25.66 -3.10 13.74
CA GLY A 7 24.50 -2.24 13.55
C GLY A 7 23.75 -2.49 12.25
N LEU A 8 22.48 -2.12 12.23
CA LEU A 8 21.70 -2.08 11.00
C LEU A 8 21.72 -0.63 10.53
N GLY A 9 22.66 -0.33 9.65
CA GLY A 9 22.75 1.00 9.13
C GLY A 9 24.05 1.17 8.39
N THR A 10 24.15 2.30 7.73
CA THR A 10 25.35 2.66 7.00
C THR A 10 25.98 3.90 7.62
N ALA A 11 26.99 4.43 6.95
CA ALA A 11 27.52 5.71 7.40
C ALA A 11 26.51 6.84 7.24
N ARG A 12 25.45 6.62 6.45
CA ARG A 12 24.51 7.67 6.08
C ARG A 12 23.20 7.62 6.82
N LEU A 13 22.77 6.43 7.24
CA LEU A 13 21.49 6.28 7.90
C LEU A 13 21.56 5.01 8.73
N GLN A 14 21.07 5.09 9.96
CA GLN A 14 21.20 3.99 10.90
C GLN A 14 19.86 3.80 11.56
N LEU A 15 19.43 2.54 11.68
CA LEU A 15 18.20 2.23 12.38
C LEU A 15 18.44 2.33 13.87
N VAL A 16 17.52 2.95 14.59
CA VAL A 16 17.67 3.15 16.02
C VAL A 16 16.74 2.23 16.80
N GLU A 17 15.48 2.20 16.40
CA GLU A 17 14.51 1.40 17.09
C GLU A 17 13.43 1.00 16.09
N PHE A 18 12.97 -0.23 16.22
CA PHE A 18 11.88 -0.73 15.41
C PHE A 18 11.03 -1.70 16.22
N SER A 19 9.73 -1.44 16.29
CA SER A 19 8.86 -2.34 17.01
C SER A 19 7.54 -2.48 16.27
N ALA A 20 6.88 -3.61 16.48
CA ALA A 20 5.48 -3.75 16.09
C ALA A 20 4.75 -4.26 17.32
N PHE A 21 3.56 -3.73 17.56
CA PHE A 21 2.96 -3.86 18.89
C PHE A 21 1.45 -3.77 18.83
N VAL A 22 0.81 -4.11 19.95
CA VAL A 22 -0.61 -3.85 20.15
C VAL A 22 -0.78 -3.32 21.56
N GLU A 23 -1.60 -2.27 21.64
CA GLU A 23 -1.77 -1.42 22.81
C GLU A 23 -2.42 -2.13 23.97
N PRO A 24 -3.74 -2.04 24.11
CA PRO A 24 -4.69 -1.38 23.22
C PRO A 24 -5.07 0.00 23.74
N PRO A 25 -6.32 0.51 23.61
CA PRO A 25 -6.52 1.84 24.19
C PRO A 25 -6.85 1.83 25.69
N ARG A 33 1.56 -2.07 26.34
CA ARG A 33 2.06 -2.53 25.04
C ARG A 33 2.54 -3.97 25.08
N HIS A 34 2.18 -4.74 24.04
CA HIS A 34 2.81 -6.01 23.74
C HIS A 34 3.55 -5.88 22.41
N LEU A 35 4.85 -6.19 22.40
CA LEU A 35 5.65 -6.15 21.19
C LEU A 35 5.72 -7.52 20.53
N PHE A 36 5.38 -7.59 19.24
CA PHE A 36 5.57 -8.85 18.51
C PHE A 36 7.01 -8.99 18.07
N VAL A 37 7.64 -7.90 17.64
CA VAL A 37 9.06 -7.92 17.33
C VAL A 37 9.63 -6.56 17.70
N HIS A 38 10.91 -6.55 18.07
CA HIS A 38 11.52 -5.35 18.62
C HIS A 38 13.01 -5.32 18.33
N ILE A 39 13.48 -4.20 17.78
CA ILE A 39 14.91 -3.94 17.59
C ILE A 39 15.23 -2.62 18.28
N SER A 40 15.93 -2.70 19.40
CA SER A 40 16.46 -1.50 20.04
C SER A 40 17.95 -1.41 19.77
N GLN A 41 18.45 -0.20 19.61
CA GLN A 41 19.88 -0.03 19.36
C GLN A 41 20.49 1.21 20.01
N PRO A 49 31.96 -8.74 17.66
CA PRO A 49 31.12 -9.49 16.76
C PRO A 49 30.68 -8.56 15.67
N PRO A 50 31.21 -8.79 14.39
CA PRO A 50 30.75 -7.79 13.41
C PRO A 50 29.28 -8.02 13.15
N LEU A 51 28.96 -8.80 12.14
CA LEU A 51 27.60 -9.12 11.87
C LEU A 51 27.72 -10.18 10.87
N GLU A 52 27.13 -11.33 11.13
CA GLU A 52 27.24 -12.43 10.21
C GLU A 52 26.72 -11.99 8.90
N SER A 53 26.94 -12.79 7.88
CA SER A 53 26.51 -12.43 6.57
C SER A 53 25.73 -13.55 5.97
N VAL A 54 24.78 -13.21 5.13
CA VAL A 54 23.97 -14.19 4.43
C VAL A 54 24.02 -13.89 2.94
N ASP A 55 24.20 -14.92 2.12
CA ASP A 55 24.23 -14.68 0.68
C ASP A 55 22.82 -14.43 0.18
N VAL A 56 22.62 -13.25 -0.40
CA VAL A 56 21.28 -12.82 -0.82
C VAL A 56 20.64 -13.83 -1.77
N ARG A 57 21.44 -14.52 -2.58
CA ARG A 57 20.88 -15.49 -3.51
C ARG A 57 20.07 -16.57 -2.80
N GLN A 58 20.32 -16.78 -1.51
CA GLN A 58 19.59 -17.81 -0.78
C GLN A 58 18.13 -17.44 -0.59
N ILE A 59 17.81 -16.15 -0.51
CA ILE A 59 16.46 -15.70 -0.25
C ILE A 59 15.82 -15.04 -1.46
N TYR A 60 16.42 -15.20 -2.66
CA TYR A 60 15.83 -14.59 -3.85
C TYR A 60 14.36 -14.95 -4.02
N ASP A 61 14.00 -16.18 -3.63
CA ASP A 61 12.67 -16.76 -3.89
C ASP A 61 11.61 -16.30 -2.90
N LYS A 62 12.01 -15.72 -1.78
CA LYS A 62 11.07 -15.23 -0.79
C LYS A 62 10.60 -13.82 -1.08
N PHE A 63 10.93 -13.30 -2.26
CA PHE A 63 10.55 -11.97 -2.67
C PHE A 63 10.30 -11.98 -4.17
N PRO A 64 9.54 -11.04 -4.71
CA PRO A 64 9.18 -11.11 -6.13
C PRO A 64 10.37 -10.82 -7.03
N GLU A 65 10.48 -11.60 -8.11
CA GLU A 65 11.49 -11.29 -9.12
C GLU A 65 10.98 -10.16 -9.99
N LYS A 66 10.15 -9.31 -9.41
CA LYS A 66 9.57 -8.19 -10.11
C LYS A 66 10.21 -6.90 -9.65
N LYS A 67 9.92 -5.83 -10.40
CA LYS A 67 10.39 -4.50 -10.05
C LYS A 67 10.18 -4.25 -8.57
N GLY A 68 11.22 -3.75 -7.91
CA GLY A 68 11.21 -3.60 -6.48
C GLY A 68 11.35 -4.90 -5.71
N GLY A 69 11.88 -5.94 -6.34
CA GLY A 69 12.20 -7.14 -5.61
C GLY A 69 13.63 -7.12 -5.11
N LEU A 70 13.94 -8.08 -4.24
CA LEU A 70 15.29 -8.18 -3.71
C LEU A 70 16.32 -8.25 -4.82
N ARG A 71 16.15 -9.19 -5.75
CA ARG A 71 17.09 -9.35 -6.85
C ARG A 71 17.34 -8.02 -7.56
N GLU A 72 16.26 -7.38 -8.02
CA GLU A 72 16.39 -6.11 -8.73
C GLU A 72 17.15 -5.08 -7.91
N LEU A 73 16.71 -4.82 -6.67
CA LEU A 73 17.32 -3.76 -5.86
C LEU A 73 18.79 -4.04 -5.59
N TYR A 74 19.10 -5.25 -5.12
CA TYR A 74 20.49 -5.56 -4.81
C TYR A 74 21.39 -5.30 -6.00
N ASP A 75 20.88 -5.51 -7.21
CA ASP A 75 21.70 -5.32 -8.41
C ASP A 75 22.15 -3.88 -8.56
N ARG A 76 21.27 -2.92 -8.29
CA ARG A 76 21.69 -1.52 -8.37
C ARG A 76 22.74 -1.22 -7.30
N GLY A 77 22.45 -1.55 -6.05
CA GLY A 77 23.38 -1.32 -4.98
C GLY A 77 23.03 -0.05 -4.25
N PRO A 78 23.89 0.35 -3.29
CA PRO A 78 25.17 -0.26 -2.95
C PRO A 78 25.00 -1.46 -2.06
N PRO A 79 25.80 -2.48 -2.33
CA PRO A 79 25.66 -3.74 -1.59
C PRO A 79 25.64 -3.56 -0.09
N HIS A 80 26.43 -2.63 0.47
CA HIS A 80 26.50 -2.41 1.90
C HIS A 80 25.21 -1.86 2.50
N ALA A 81 24.20 -1.52 1.70
CA ALA A 81 22.93 -1.02 2.23
C ALA A 81 21.95 -2.13 2.63
N PHE A 82 22.26 -3.40 2.38
CA PHE A 82 21.27 -4.48 2.40
C PHE A 82 21.45 -5.37 3.62
N PHE A 83 20.34 -5.68 4.29
CA PHE A 83 20.36 -6.40 5.54
C PHE A 83 19.20 -7.38 5.59
N LEU A 84 19.41 -8.49 6.30
CA LEU A 84 18.37 -9.46 6.59
C LEU A 84 18.12 -9.42 8.08
N VAL A 85 16.86 -9.39 8.48
CA VAL A 85 16.49 -9.57 9.88
C VAL A 85 15.63 -10.81 9.97
N LYS A 86 16.07 -11.81 10.72
CA LYS A 86 15.19 -12.90 11.10
C LYS A 86 14.55 -12.60 12.44
N PHE A 87 13.23 -12.70 12.50
CA PHE A 87 12.43 -12.38 13.67
C PHE A 87 11.84 -13.64 14.26
N TRP A 88 11.92 -13.76 15.58
CA TRP A 88 11.14 -14.74 16.32
C TRP A 88 10.12 -13.95 17.12
N ALA A 89 8.89 -13.89 16.61
CA ALA A 89 7.87 -13.00 17.13
C ALA A 89 7.08 -13.65 18.25
N ASP A 90 6.72 -12.82 19.21
CA ASP A 90 5.89 -13.19 20.34
C ASP A 90 4.45 -12.93 19.94
N LEU A 91 3.64 -13.99 19.77
CA LEU A 91 2.24 -13.83 19.41
C LEU A 91 1.32 -14.15 20.57
N ASN A 92 1.85 -14.14 21.79
CA ASN A 92 1.11 -14.54 22.99
C ASN A 92 0.59 -13.27 23.65
N TRP A 93 -0.70 -12.97 23.44
CA TRP A 93 -1.31 -11.79 24.03
C TRP A 93 -2.82 -11.93 24.06
N SER A 107 -8.93 -11.22 23.63
CA SER A 107 -8.50 -11.51 22.27
C SER A 107 -8.45 -10.24 21.38
N SER A 108 -9.62 -9.78 20.93
CA SER A 108 -9.72 -8.69 19.97
C SER A 108 -9.66 -7.33 20.68
N GLY A 109 -8.83 -6.43 20.15
CA GLY A 109 -8.60 -5.15 20.76
C GLY A 109 -9.00 -3.97 19.90
N GLY A 110 -8.15 -2.96 19.80
CA GLY A 110 -6.81 -2.84 20.36
C GLY A 110 -5.91 -2.22 19.31
N PHE A 111 -4.98 -1.35 19.70
CA PHE A 111 -4.22 -0.59 18.72
C PHE A 111 -3.02 -1.40 18.25
N TYR A 112 -3.00 -1.76 16.97
CA TYR A 112 -1.86 -2.41 16.34
C TYR A 112 -1.03 -1.37 15.63
N GLY A 113 0.26 -1.34 15.90
CA GLY A 113 1.05 -0.24 15.38
C GLY A 113 2.48 -0.65 15.10
N VAL A 114 3.17 0.23 14.38
CA VAL A 114 4.55 0.03 13.99
C VAL A 114 5.29 1.33 14.29
N SER A 115 6.47 1.24 14.89
CA SER A 115 7.29 2.39 15.21
C SER A 115 8.68 2.18 14.64
N SER A 116 9.19 3.17 13.90
CA SER A 116 10.58 3.18 13.50
C SER A 116 11.25 4.51 13.83
N GLN A 117 12.55 4.42 14.10
CA GLN A 117 13.32 5.60 14.37
C GLN A 117 14.69 5.38 13.75
N TYR A 118 15.05 6.24 12.82
CA TYR A 118 16.37 6.24 12.20
C TYR A 118 17.08 7.54 12.57
N GLU A 119 18.38 7.57 12.30
CA GLU A 119 19.17 8.76 12.55
C GLU A 119 20.30 8.83 11.54
N SER A 120 20.75 10.05 11.27
CA SER A 120 21.86 10.32 10.37
C SER A 120 22.59 11.55 10.87
N LEU A 121 23.74 11.81 10.28
CA LEU A 121 24.40 13.09 10.45
C LEU A 121 24.06 14.08 9.36
N GLU A 122 23.51 13.62 8.24
CA GLU A 122 23.10 14.51 7.16
C GLU A 122 21.63 14.85 7.31
N HIS A 123 21.22 15.99 6.78
CA HIS A 123 19.81 16.39 6.81
C HIS A 123 19.16 15.94 5.51
N MET A 124 18.23 14.99 5.60
CA MET A 124 17.53 14.43 4.45
C MET A 124 16.02 14.40 4.72
N THR A 125 15.23 14.11 3.70
CA THR A 125 13.90 13.56 3.92
C THR A 125 13.89 12.12 3.39
N LEU A 126 13.21 11.23 4.12
CA LEU A 126 13.20 9.81 3.80
C LEU A 126 11.89 9.40 3.16
N THR A 127 12.01 8.48 2.21
CA THR A 127 10.86 7.80 1.62
C THR A 127 11.05 6.35 2.05
N CYS A 128 10.13 5.84 2.88
CA CYS A 128 10.20 4.47 3.38
C CYS A 128 9.12 3.66 2.68
N SER A 129 9.52 2.59 2.02
CA SER A 129 8.57 1.70 1.36
C SER A 129 8.56 0.35 2.05
N SER A 130 7.36 -0.12 2.43
CA SER A 130 7.19 -1.42 3.06
C SER A 130 6.43 -2.30 2.09
N LYS A 131 7.02 -3.42 1.70
CA LYS A 131 6.38 -4.36 0.82
C LYS A 131 6.17 -5.65 1.58
N VAL A 132 4.92 -6.01 1.81
CA VAL A 132 4.59 -7.29 2.41
C VAL A 132 4.37 -8.31 1.30
N CYS A 133 5.03 -9.45 1.41
CA CYS A 133 4.98 -10.51 0.42
C CYS A 133 4.44 -11.79 1.04
N SER A 134 3.54 -12.42 0.32
CA SER A 134 2.95 -13.69 0.73
C SER A 134 3.09 -14.61 -0.47
N PHE A 135 3.82 -15.71 -0.31
CA PHE A 135 4.24 -16.55 -1.43
C PHE A 135 4.83 -15.71 -2.57
N GLY A 136 6.01 -15.16 -2.30
CA GLY A 136 6.73 -14.41 -3.31
C GLY A 136 6.01 -13.18 -3.86
N LYS A 137 4.68 -13.19 -3.89
CA LYS A 137 3.89 -12.09 -4.44
C LYS A 137 3.66 -10.99 -3.41
N GLN A 138 3.76 -9.75 -3.87
CA GLN A 138 3.55 -8.56 -3.04
C GLN A 138 2.05 -8.40 -2.80
N VAL A 139 1.59 -8.56 -1.55
CA VAL A 139 0.18 -8.31 -1.24
C VAL A 139 -0.07 -6.90 -0.70
N VAL A 140 0.95 -6.22 -0.19
CA VAL A 140 0.77 -4.88 0.39
C VAL A 140 2.01 -4.06 0.11
N GLU A 141 1.82 -2.82 -0.33
CA GLU A 141 2.90 -1.84 -0.31
C GLU A 141 2.43 -0.60 0.42
N LYS A 142 3.27 -0.09 1.32
CA LYS A 142 3.00 1.14 2.05
C LYS A 142 4.18 2.10 1.94
N VAL A 143 3.93 3.28 1.37
CA VAL A 143 4.95 4.29 1.17
C VAL A 143 4.70 5.44 2.14
N GLU A 144 5.73 5.80 2.89
CA GLU A 144 5.63 6.89 3.84
C GLU A 144 6.79 7.84 3.68
N THR A 145 6.60 9.10 4.03
CA THR A 145 7.66 10.11 3.98
C THR A 145 7.90 10.73 5.36
N GLU A 146 9.18 10.93 5.72
CA GLU A 146 9.50 11.48 7.04
C GLU A 146 10.66 12.46 6.93
N ARG A 147 10.48 13.66 7.49
CA ARG A 147 11.48 14.72 7.39
C ARG A 147 12.45 14.66 8.57
N ALA A 148 13.70 15.08 8.33
CA ALA A 148 14.67 15.09 9.42
C ALA A 148 14.18 16.01 10.51
N GLN A 149 14.48 15.64 11.74
CA GLN A 149 14.27 16.47 12.92
C GLN A 149 15.60 16.59 13.63
N LEU A 150 15.99 17.80 13.98
CA LEU A 150 17.27 18.02 14.64
C LEU A 150 17.11 17.80 16.14
N GLU A 151 17.96 16.95 16.69
CA GLU A 151 17.85 16.57 18.11
C GLU A 151 19.20 16.05 18.56
N ASP A 152 19.87 16.78 19.45
CA ASP A 152 21.01 16.23 20.18
C ASP A 152 22.27 16.16 19.30
N GLY A 153 22.48 17.18 18.49
CA GLY A 153 23.55 17.12 17.48
C GLY A 153 23.43 15.99 16.46
N ARG A 154 22.23 15.72 15.95
CA ARG A 154 22.03 14.74 14.89
C ARG A 154 20.60 14.84 14.40
N PHE A 155 20.34 14.23 13.25
CA PHE A 155 19.01 14.21 12.68
C PHE A 155 18.33 12.89 13.00
N VAL A 156 17.11 12.98 13.51
CA VAL A 156 16.32 11.80 13.87
C VAL A 156 15.09 11.75 12.98
N TYR A 157 14.72 10.55 12.54
CA TYR A 157 13.58 10.32 11.65
C TYR A 157 12.60 9.39 12.36
N ARG A 158 11.50 9.97 12.86
CA ARG A 158 10.55 9.23 13.69
C ARG A 158 9.29 8.94 12.88
N LEU A 159 8.98 7.65 12.74
CA LEU A 159 7.72 7.18 12.15
C LEU A 159 7.06 6.29 13.21
N LEU A 160 6.38 6.94 14.15
CA LEU A 160 5.92 6.31 15.39
C LEU A 160 4.42 6.09 15.35
N ARG A 161 3.96 5.05 16.02
CA ARG A 161 2.54 4.79 16.12
C ARG A 161 1.87 4.72 14.75
N SER A 162 2.56 4.20 13.79
CA SER A 162 1.98 4.08 12.45
C SER A 162 0.97 2.93 12.39
N PRO A 163 -0.28 3.17 11.98
CA PRO A 163 -1.23 2.07 11.87
C PRO A 163 -0.66 0.91 11.07
N MET A 164 -0.75 -0.28 11.67
CA MET A 164 -0.56 -1.53 10.96
C MET A 164 -1.69 -1.72 9.97
N CYS A 165 -1.35 -2.04 8.72
CA CYS A 165 -2.37 -2.23 7.69
C CYS A 165 -3.34 -3.34 8.07
N GLU A 166 -4.59 -3.20 7.62
CA GLU A 166 -5.61 -4.19 7.87
C GLU A 166 -5.09 -5.61 7.61
N TYR A 167 -4.43 -5.81 6.47
CA TYR A 167 -3.97 -7.15 6.11
C TYR A 167 -3.14 -7.76 7.22
N LEU A 168 -2.22 -6.99 7.82
CA LEU A 168 -1.38 -7.56 8.87
C LEU A 168 -2.17 -7.87 10.12
N VAL A 169 -3.10 -6.99 10.50
CA VAL A 169 -3.89 -7.23 11.69
C VAL A 169 -4.66 -8.55 11.56
N ASN A 170 -5.45 -8.67 10.48
CA ASN A 170 -6.19 -9.91 10.20
C ASN A 170 -5.28 -11.13 10.19
N PHE A 171 -4.16 -11.04 9.46
CA PHE A 171 -3.20 -12.15 9.42
C PHE A 171 -2.73 -12.52 10.82
N LEU A 172 -2.32 -11.53 11.61
CA LEU A 172 -1.92 -11.81 12.98
C LEU A 172 -3.05 -12.46 13.76
N HIS A 173 -4.28 -11.98 13.59
CA HIS A 173 -5.38 -12.53 14.37
C HIS A 173 -5.63 -13.99 14.01
N LYS A 174 -5.49 -14.35 12.73
CA LYS A 174 -5.55 -15.75 12.34
C LYS A 174 -4.39 -16.54 12.89
N LEU A 175 -3.18 -15.98 12.84
CA LEU A 175 -1.99 -16.73 13.18
C LEU A 175 -1.97 -17.09 14.66
N ARG A 176 -2.42 -16.16 15.50
CA ARG A 176 -2.43 -16.41 16.94
C ARG A 176 -3.27 -17.62 17.31
N GLN A 177 -4.17 -18.05 16.42
CA GLN A 177 -5.14 -19.10 16.71
C GLN A 177 -4.61 -20.48 16.36
N LEU A 178 -3.59 -20.56 15.50
CA LEU A 178 -3.04 -21.85 15.15
C LEU A 178 -2.67 -22.61 16.43
N PRO A 179 -2.91 -23.93 16.46
CA PRO A 179 -2.69 -24.68 17.72
C PRO A 179 -1.24 -24.96 18.04
N GLU A 180 -0.34 -24.94 17.07
CA GLU A 180 1.01 -25.40 17.30
C GLU A 180 1.98 -24.36 16.74
N ARG A 181 3.06 -24.10 17.48
CA ARG A 181 4.01 -23.13 16.95
C ARG A 181 4.62 -23.62 15.64
N TYR A 182 4.77 -24.93 15.47
CA TYR A 182 5.32 -25.38 14.20
C TYR A 182 4.35 -25.10 13.06
N MET A 183 3.06 -24.96 13.34
CA MET A 183 2.18 -24.63 12.23
C MET A 183 2.25 -23.14 11.90
N MET A 184 2.45 -22.29 12.90
CA MET A 184 2.78 -20.88 12.63
C MET A 184 4.08 -20.77 11.84
N ASN A 185 5.11 -21.49 12.26
CA ASN A 185 6.34 -21.49 11.48
C ASN A 185 6.07 -21.90 10.05
N SER A 186 5.26 -22.95 9.85
CA SER A 186 4.98 -23.39 8.49
C SER A 186 4.29 -22.28 7.69
N VAL A 187 3.31 -21.62 8.32
CA VAL A 187 2.58 -20.55 7.63
C VAL A 187 3.50 -19.36 7.37
N LEU A 188 4.45 -19.11 8.26
CA LEU A 188 5.31 -17.94 8.15
C LEU A 188 6.43 -18.11 7.13
N GLU A 189 6.85 -19.35 6.81
CA GLU A 189 7.94 -19.51 5.86
C GLU A 189 7.62 -18.91 4.49
N ASN A 190 6.35 -18.57 4.22
CA ASN A 190 5.96 -17.94 2.95
C ASN A 190 5.66 -16.44 3.10
N PHE A 191 6.07 -15.83 4.21
CA PHE A 191 5.64 -14.47 4.53
C PHE A 191 6.89 -13.62 4.76
N THR A 192 7.08 -12.58 3.96
CA THR A 192 8.28 -11.78 4.10
C THR A 192 7.93 -10.32 3.93
N ILE A 193 8.75 -9.45 4.50
CA ILE A 193 8.60 -8.03 4.31
C ILE A 193 9.90 -7.47 3.78
N LEU A 194 9.78 -6.50 2.89
CA LEU A 194 10.92 -5.83 2.28
C LEU A 194 10.73 -4.35 2.55
N GLN A 195 11.72 -3.73 3.15
CA GLN A 195 11.60 -2.35 3.58
C GLN A 195 12.70 -1.59 2.86
N VAL A 196 12.32 -0.58 2.07
CA VAL A 196 13.28 0.17 1.26
C VAL A 196 13.24 1.63 1.69
N VAL A 197 14.37 2.15 2.18
CA VAL A 197 14.49 3.54 2.63
C VAL A 197 15.39 4.28 1.64
N THR A 198 14.82 5.25 0.96
CA THR A 198 15.58 6.00 -0.02
C THR A 198 15.63 7.46 0.40
N ASN A 199 16.62 8.15 -0.15
CA ASN A 199 16.72 9.58 0.05
C ASN A 199 15.70 10.23 -0.86
N ARG A 200 14.71 10.89 -0.27
CA ARG A 200 13.55 11.28 -1.05
C ARG A 200 13.91 12.28 -2.14
N ASP A 201 14.96 13.08 -1.92
CA ASP A 201 15.26 14.12 -2.88
C ASP A 201 16.14 13.62 -4.01
N THR A 202 17.00 12.64 -3.76
CA THR A 202 17.92 12.18 -4.77
C THR A 202 17.60 10.81 -5.35
N GLN A 203 16.71 10.04 -4.73
CA GLN A 203 16.31 8.69 -5.15
C GLN A 203 17.37 7.67 -4.78
N GLU A 204 18.45 8.05 -4.11
CA GLU A 204 19.43 7.06 -3.70
C GLU A 204 18.88 6.16 -2.60
N LEU A 205 19.28 4.90 -2.65
CA LEU A 205 18.90 3.92 -1.66
C LEU A 205 19.78 4.07 -0.44
N LEU A 206 19.16 4.14 0.74
CA LEU A 206 19.91 4.26 1.97
C LEU A 206 19.99 2.96 2.73
N LEU A 207 18.87 2.24 2.81
CA LEU A 207 18.70 1.07 3.65
C LEU A 207 17.69 0.14 2.98
N CYS A 208 18.06 -1.11 2.79
CA CYS A 208 17.13 -2.15 2.32
C CYS A 208 17.21 -3.31 3.29
N THR A 209 16.15 -3.50 4.08
CA THR A 209 16.04 -4.60 5.04
C THR A 209 14.99 -5.59 4.60
N ALA A 210 15.39 -6.86 4.52
CA ALA A 210 14.50 -7.97 4.29
C ALA A 210 14.18 -8.65 5.62
N TYR A 211 12.89 -8.82 5.90
CA TYR A 211 12.43 -9.53 7.09
C TYR A 211 11.93 -10.92 6.73
N VAL A 212 12.30 -11.92 7.55
CA VAL A 212 11.77 -13.28 7.54
C VAL A 212 11.42 -13.66 8.97
N PHE A 213 10.48 -14.60 9.12
CA PHE A 213 9.75 -14.77 10.39
C PHE A 213 9.61 -16.23 10.81
N GLU A 214 9.62 -16.42 12.14
CA GLU A 214 9.18 -17.61 12.84
C GLU A 214 8.51 -17.09 14.12
N VAL A 215 8.08 -18.00 14.98
CA VAL A 215 7.47 -17.60 16.23
C VAL A 215 8.38 -18.05 17.37
N SER A 216 8.36 -17.28 18.46
CA SER A 216 9.03 -17.67 19.68
C SER A 216 8.00 -18.09 20.72
N THR A 217 8.46 -18.81 21.73
CA THR A 217 7.55 -19.13 22.82
C THR A 217 7.32 -17.87 23.64
N SER A 218 6.49 -17.97 24.67
CA SER A 218 6.23 -16.80 25.50
C SER A 218 7.30 -16.59 26.56
N GLU A 219 7.89 -17.67 27.10
CA GLU A 219 8.98 -17.52 28.07
C GLU A 219 10.30 -17.12 27.42
N ARG A 220 10.50 -17.45 26.13
CA ARG A 220 11.70 -17.00 25.44
C ARG A 220 11.59 -15.55 24.99
N GLY A 221 10.39 -15.09 24.61
CA GLY A 221 10.22 -13.71 24.23
C GLY A 221 10.72 -13.46 22.83
N ALA A 222 10.30 -12.31 22.30
CA ALA A 222 10.68 -11.94 20.94
C ALA A 222 12.20 -11.81 20.82
N GLN A 223 12.72 -12.17 19.65
CA GLN A 223 14.16 -12.18 19.42
C GLN A 223 14.40 -11.91 17.95
N HIS A 224 15.63 -11.52 17.63
CA HIS A 224 15.98 -11.26 16.24
C HIS A 224 17.47 -11.50 16.05
N HIS A 225 17.86 -11.70 14.80
N HIS A 225 17.84 -11.67 14.79
CA HIS A 225 19.28 -11.73 14.47
CA HIS A 225 19.23 -11.85 14.37
C HIS A 225 19.45 -11.02 13.15
C HIS A 225 19.41 -11.01 13.11
N ILE A 226 20.28 -9.99 13.17
CA ILE A 226 20.49 -9.10 12.02
C ILE A 226 21.67 -9.60 11.20
N TYR A 227 21.51 -9.61 9.88
CA TYR A 227 22.60 -10.07 9.02
C TYR A 227 22.88 -9.05 7.92
N ARG A 228 24.10 -9.08 7.41
CA ARG A 228 24.44 -8.34 6.19
C ARG A 228 24.24 -9.25 4.98
N LEU A 229 23.68 -8.70 3.90
CA LEU A 229 23.48 -9.47 2.68
C LEU A 229 24.66 -9.25 1.73
N VAL A 230 25.22 -10.34 1.24
CA VAL A 230 26.36 -10.31 0.34
C VAL A 230 26.02 -11.17 -0.87
N ARG A 231 26.93 -11.18 -1.85
CA ARG A 231 26.71 -12.00 -3.03
C ARG A 231 28.01 -12.72 -3.40
N ASP A 232 29.12 -12.00 -3.41
CA ASP A 232 30.44 -12.61 -3.66
C ASP A 232 30.67 -13.79 -2.73
N ALA B 5 -24.91 15.29 -2.69
CA ALA B 5 -23.67 15.08 -3.43
C ALA B 5 -23.89 15.27 -4.94
N ARG B 6 -23.10 16.17 -5.53
CA ARG B 6 -23.19 16.52 -6.95
C ARG B 6 -21.99 16.07 -7.77
N GLY B 7 -20.94 15.56 -7.13
CA GLY B 7 -19.81 14.96 -7.82
C GLY B 7 -19.19 13.90 -6.94
N LEU B 8 -18.04 13.36 -7.30
CA LEU B 8 -17.33 12.46 -6.38
C LEU B 8 -16.58 13.32 -5.37
N GLY B 9 -17.14 13.50 -4.19
CA GLY B 9 -16.40 14.21 -3.16
C GLY B 9 -17.33 14.80 -2.14
N THR B 10 -16.75 15.09 -0.97
CA THR B 10 -17.52 15.72 0.07
C THR B 10 -17.08 17.17 0.17
N ALA B 11 -17.58 17.85 1.19
CA ALA B 11 -17.26 19.23 1.40
C ALA B 11 -15.85 19.42 1.98
N ARG B 12 -15.21 18.37 2.47
CA ARG B 12 -13.87 18.46 3.04
C ARG B 12 -12.81 17.90 2.10
N LEU B 13 -13.22 17.20 1.06
CA LEU B 13 -12.27 16.62 0.13
C LEU B 13 -13.03 16.29 -1.13
N GLN B 14 -12.54 16.78 -2.25
CA GLN B 14 -13.18 16.56 -3.53
C GLN B 14 -12.17 15.94 -4.48
N LEU B 15 -12.62 14.97 -5.26
CA LEU B 15 -11.80 14.41 -6.31
C LEU B 15 -11.88 15.32 -7.52
N VAL B 16 -10.72 15.57 -8.13
CA VAL B 16 -10.66 16.44 -9.29
C VAL B 16 -10.28 15.67 -10.55
N GLU B 17 -9.34 14.75 -10.43
CA GLU B 17 -8.92 13.95 -11.56
C GLU B 17 -8.52 12.59 -11.05
N PHE B 18 -8.94 11.56 -11.77
CA PHE B 18 -8.48 10.21 -11.54
C PHE B 18 -8.35 9.54 -12.90
N SER B 19 -7.23 8.90 -13.15
CA SER B 19 -7.12 8.17 -14.40
C SER B 19 -6.11 7.05 -14.22
N ALA B 20 -6.22 6.06 -15.12
CA ALA B 20 -5.32 4.93 -15.22
C ALA B 20 -5.03 4.80 -16.70
N PHE B 21 -3.75 4.63 -17.05
CA PHE B 21 -3.36 4.86 -18.42
C PHE B 21 -2.12 4.06 -18.71
N VAL B 22 -1.84 3.87 -19.99
CA VAL B 22 -0.57 3.31 -20.43
C VAL B 22 0.03 4.25 -21.46
N GLU B 23 1.34 4.44 -21.39
CA GLU B 23 2.05 5.20 -22.40
C GLU B 23 2.93 4.24 -23.16
N PRO B 24 2.79 4.13 -24.48
CA PRO B 24 3.56 3.12 -25.19
C PRO B 24 5.04 3.49 -25.20
N PRO B 25 5.93 2.50 -25.29
CA PRO B 25 7.37 2.81 -25.19
C PRO B 25 7.85 3.83 -26.20
N ASP B 26 7.12 4.04 -27.30
CA ASP B 26 7.48 5.04 -28.29
C ASP B 26 6.79 6.38 -28.05
N ALA B 27 6.31 6.62 -26.82
CA ALA B 27 5.79 7.94 -26.48
C ALA B 27 6.89 9.00 -26.37
N VAL B 28 8.15 8.57 -26.30
CA VAL B 28 9.28 9.49 -26.25
C VAL B 28 9.46 10.19 -27.59
N ASP B 29 9.16 9.49 -28.68
CA ASP B 29 9.16 10.10 -30.01
C ASP B 29 7.92 10.96 -30.19
N SER B 30 6.75 10.35 -30.22
CA SER B 30 5.51 11.09 -30.30
C SER B 30 4.64 10.67 -29.13
N TYR B 31 4.46 11.58 -28.18
CA TYR B 31 3.74 11.24 -26.97
C TYR B 31 2.31 10.80 -27.30
N GLN B 32 1.77 9.97 -26.44
CA GLN B 32 0.36 9.59 -26.43
C GLN B 32 0.14 8.72 -25.22
N ARG B 33 -1.11 8.61 -24.78
CA ARG B 33 -1.37 7.68 -23.70
C ARG B 33 -2.79 7.15 -23.85
N HIS B 34 -2.97 5.87 -23.56
CA HIS B 34 -4.27 5.26 -23.57
C HIS B 34 -4.83 5.29 -22.16
N LEU B 35 -6.04 5.80 -22.03
CA LEU B 35 -6.76 5.86 -20.75
C LEU B 35 -7.63 4.62 -20.62
N PHE B 36 -7.33 3.78 -19.62
CA PHE B 36 -8.22 2.68 -19.27
C PHE B 36 -9.50 3.19 -18.64
N VAL B 37 -9.39 4.05 -17.63
CA VAL B 37 -10.54 4.71 -17.03
C VAL B 37 -10.16 6.14 -16.72
N HIS B 38 -11.13 7.05 -16.77
CA HIS B 38 -10.81 8.45 -16.56
C HIS B 38 -11.95 9.14 -15.83
N ILE B 39 -11.65 9.85 -14.76
CA ILE B 39 -12.64 10.74 -14.18
C ILE B 39 -11.99 12.10 -14.06
N SER B 40 -12.72 13.12 -14.46
CA SER B 40 -12.18 14.44 -14.35
C SER B 40 -13.35 15.33 -14.00
N GLN B 41 -13.20 16.09 -12.92
CA GLN B 41 -14.27 16.90 -12.39
C GLN B 41 -13.96 18.38 -12.42
N HIS B 42 -12.96 18.77 -13.23
CA HIS B 42 -12.69 20.21 -13.39
CA HIS B 42 -12.77 20.13 -13.73
C HIS B 42 -13.97 21.03 -13.49
N ALA B 48 -26.54 21.60 -11.95
CA ALA B 48 -26.28 20.17 -11.82
C ALA B 48 -27.29 19.51 -10.88
N PRO B 49 -27.52 18.21 -11.07
CA PRO B 49 -28.42 17.47 -10.19
C PRO B 49 -27.63 16.53 -9.28
N PRO B 50 -28.19 16.13 -8.14
CA PRO B 50 -27.48 15.19 -7.27
C PRO B 50 -27.22 13.88 -8.00
N LEU B 51 -26.12 13.22 -7.62
CA LEU B 51 -25.83 11.93 -8.19
C LEU B 51 -26.95 10.94 -7.85
N GLU B 52 -27.03 9.88 -8.63
CA GLU B 52 -28.00 8.85 -8.31
C GLU B 52 -27.47 8.02 -7.16
N SER B 53 -28.38 7.34 -6.45
CA SER B 53 -27.97 6.52 -5.33
C SER B 53 -28.05 5.05 -5.69
N VAL B 54 -27.18 4.27 -5.07
CA VAL B 54 -27.26 2.81 -5.07
C VAL B 54 -27.19 2.37 -3.61
N ASP B 55 -28.01 1.41 -3.23
CA ASP B 55 -28.05 0.97 -1.85
C ASP B 55 -26.80 0.13 -1.57
N VAL B 56 -25.98 0.58 -0.62
CA VAL B 56 -24.71 -0.11 -0.35
C VAL B 56 -24.94 -1.60 -0.14
N ARG B 57 -26.05 -1.94 0.53
CA ARG B 57 -26.34 -3.35 0.81
C ARG B 57 -26.12 -4.20 -0.43
N GLN B 58 -26.41 -3.65 -1.61
CA GLN B 58 -26.39 -4.41 -2.86
C GLN B 58 -24.99 -4.70 -3.37
N ILE B 59 -23.95 -4.17 -2.74
CA ILE B 59 -22.58 -4.47 -3.13
C ILE B 59 -21.77 -5.13 -2.02
N TYR B 60 -22.39 -5.43 -0.87
CA TYR B 60 -21.67 -5.98 0.29
C TYR B 60 -20.78 -7.17 -0.07
N ASP B 61 -21.28 -8.05 -0.94
CA ASP B 61 -20.57 -9.30 -1.23
C ASP B 61 -19.42 -9.13 -2.21
N LYS B 62 -19.31 -7.97 -2.87
CA LYS B 62 -18.25 -7.73 -3.85
C LYS B 62 -16.96 -7.21 -3.22
N PHE B 63 -16.94 -6.95 -1.90
CA PHE B 63 -15.76 -6.36 -1.26
C PHE B 63 -15.38 -7.10 0.02
N PRO B 64 -14.23 -6.77 0.65
CA PRO B 64 -13.77 -7.58 1.79
C PRO B 64 -14.68 -7.50 3.00
N GLU B 65 -14.11 -7.74 4.17
CA GLU B 65 -14.88 -7.86 5.41
C GLU B 65 -13.96 -8.05 6.61
N LYS B 66 -14.53 -8.40 7.76
CA LYS B 66 -13.73 -8.66 8.97
C LYS B 66 -13.09 -7.39 9.52
N LYS B 67 -13.07 -6.34 8.71
CA LYS B 67 -12.40 -5.08 9.01
C LYS B 67 -12.11 -4.39 7.69
N GLY B 68 -11.95 -3.06 7.69
CA GLY B 68 -11.66 -2.35 6.46
C GLY B 68 -12.51 -2.83 5.31
N GLY B 69 -13.73 -3.26 5.62
CA GLY B 69 -14.70 -3.68 4.62
C GLY B 69 -15.86 -2.71 4.56
N LEU B 70 -16.42 -2.54 3.36
CA LEU B 70 -17.55 -1.63 3.15
C LEU B 70 -18.50 -1.58 4.32
N ARG B 71 -19.00 -2.74 4.74
CA ARG B 71 -19.84 -2.87 5.94
C ARG B 71 -19.29 -2.06 7.08
N GLU B 72 -18.11 -2.45 7.58
CA GLU B 72 -17.50 -1.79 8.73
C GLU B 72 -17.32 -0.30 8.46
N LEU B 73 -16.60 0.03 7.39
CA LEU B 73 -16.41 1.43 7.03
C LEU B 73 -17.73 2.17 6.97
N TYR B 74 -18.70 1.59 6.25
CA TYR B 74 -19.99 2.27 6.12
C TYR B 74 -20.72 2.36 7.44
N ASP B 75 -20.37 1.51 8.41
CA ASP B 75 -20.91 1.67 9.75
C ASP B 75 -20.28 2.84 10.49
N ARG B 76 -18.94 2.88 10.55
CA ARG B 76 -18.25 3.99 11.20
C ARG B 76 -18.66 5.34 10.59
N GLY B 77 -19.11 5.34 9.34
CA GLY B 77 -19.62 6.53 8.71
C GLY B 77 -18.52 7.47 8.24
N PRO B 78 -18.92 8.65 7.75
CA PRO B 78 -20.29 9.15 7.56
C PRO B 78 -20.82 8.77 6.17
N PRO B 79 -22.13 8.55 6.02
CA PRO B 79 -22.62 7.98 4.75
C PRO B 79 -22.37 8.88 3.56
N HIS B 80 -22.34 10.19 3.75
CA HIS B 80 -22.12 11.11 2.64
C HIS B 80 -20.72 11.02 2.06
N ALA B 81 -19.86 10.17 2.62
CA ALA B 81 -18.48 10.03 2.15
C ALA B 81 -18.29 8.89 1.14
N PHE B 82 -19.29 8.03 0.99
CA PHE B 82 -19.15 6.78 0.24
C PHE B 82 -19.76 6.90 -1.15
N PHE B 83 -19.02 6.45 -2.16
CA PHE B 83 -19.44 6.56 -3.55
C PHE B 83 -19.15 5.25 -4.27
N LEU B 84 -19.97 4.94 -5.28
CA LEU B 84 -19.73 3.82 -6.17
C LEU B 84 -19.48 4.37 -7.58
N VAL B 85 -18.33 4.05 -8.16
CA VAL B 85 -18.06 4.35 -9.56
C VAL B 85 -18.13 3.04 -10.34
N LYS B 86 -18.94 3.04 -11.39
CA LYS B 86 -18.90 1.96 -12.38
C LYS B 86 -18.14 2.49 -13.60
N PHE B 87 -17.05 1.80 -13.95
CA PHE B 87 -16.21 2.08 -15.09
C PHE B 87 -16.54 1.11 -16.22
N TRP B 88 -16.61 1.66 -17.44
CA TRP B 88 -16.48 0.89 -18.66
C TRP B 88 -15.08 1.13 -19.18
N ALA B 89 -14.18 0.24 -18.78
CA ALA B 89 -12.78 0.31 -19.14
C ALA B 89 -12.59 0.09 -20.63
N ASP B 90 -11.82 0.98 -21.26
CA ASP B 90 -11.34 0.77 -22.62
C ASP B 90 -10.11 -0.13 -22.58
N LEU B 91 -10.18 -1.28 -23.22
CA LEU B 91 -9.08 -2.24 -23.19
C LEU B 91 -8.49 -2.50 -24.57
N ASN B 92 -8.62 -1.55 -25.48
CA ASN B 92 -8.11 -1.67 -26.84
C ASN B 92 -7.01 -0.63 -27.00
N TRP B 93 -5.75 -1.03 -26.80
CA TRP B 93 -4.67 -0.03 -26.86
C TRP B 93 -3.41 -0.49 -27.61
N SER B 108 2.39 -5.44 -24.73
CA SER B 108 3.47 -4.99 -25.60
C SER B 108 4.40 -3.98 -24.91
N GLY B 109 4.42 -4.01 -23.59
CA GLY B 109 5.21 -3.06 -22.83
C GLY B 109 4.48 -1.74 -22.61
N GLY B 110 5.27 -0.72 -22.22
CA GLY B 110 4.82 0.62 -21.95
C GLY B 110 4.91 0.96 -20.47
N PHE B 111 4.51 2.19 -20.14
CA PHE B 111 4.45 2.61 -18.74
C PHE B 111 2.99 2.67 -18.32
N TYR B 112 2.65 1.93 -17.28
CA TYR B 112 1.31 1.84 -16.73
C TYR B 112 1.24 2.68 -15.47
N GLY B 113 0.29 3.61 -15.42
CA GLY B 113 0.29 4.60 -14.36
C GLY B 113 -1.11 4.97 -13.91
N VAL B 114 -1.16 5.50 -12.70
CA VAL B 114 -2.38 5.96 -12.05
C VAL B 114 -2.12 7.35 -11.48
N SER B 115 -2.99 8.29 -11.79
CA SER B 115 -2.88 9.67 -11.30
C SER B 115 -4.14 10.03 -10.53
N SER B 116 -3.95 10.67 -9.38
CA SER B 116 -5.06 11.13 -8.57
C SER B 116 -4.83 12.58 -8.18
N GLN B 117 -5.91 13.34 -8.07
CA GLN B 117 -5.76 14.70 -7.59
C GLN B 117 -6.97 15.02 -6.75
N TYR B 118 -6.73 15.47 -5.52
CA TYR B 118 -7.80 15.91 -4.64
C TYR B 118 -7.61 17.37 -4.30
N GLU B 119 -8.67 18.00 -3.83
CA GLU B 119 -8.63 19.40 -3.45
C GLU B 119 -9.43 19.62 -2.18
N SER B 120 -8.89 20.41 -1.27
CA SER B 120 -9.61 20.71 -0.05
C SER B 120 -9.41 22.17 0.33
N LEU B 121 -10.26 22.62 1.25
CA LEU B 121 -10.13 23.93 1.83
C LEU B 121 -9.43 23.90 3.18
N GLU B 122 -9.28 22.74 3.80
CA GLU B 122 -8.54 22.61 5.04
C GLU B 122 -7.24 21.88 4.77
N HIS B 123 -6.16 22.36 5.40
CA HIS B 123 -4.85 21.75 5.27
C HIS B 123 -4.83 20.41 5.99
N MET B 124 -4.66 19.32 5.25
CA MET B 124 -4.60 17.99 5.83
C MET B 124 -3.40 17.25 5.26
N THR B 125 -3.12 16.11 5.88
CA THR B 125 -2.28 15.09 5.26
C THR B 125 -3.17 13.89 5.01
N LEU B 126 -3.05 13.32 3.82
CA LEU B 126 -3.97 12.29 3.35
C LEU B 126 -3.26 10.95 3.23
N THR B 127 -3.96 9.90 3.60
CA THR B 127 -3.58 8.53 3.29
C THR B 127 -4.59 7.99 2.28
N CYS B 128 -4.09 7.46 1.16
CA CYS B 128 -4.93 6.83 0.16
CA CYS B 128 -4.93 6.82 0.17
C CYS B 128 -4.58 5.35 0.13
N SER B 129 -5.55 4.51 0.48
CA SER B 129 -5.40 3.07 0.47
C SER B 129 -6.24 2.51 -0.67
N SER B 130 -5.62 1.72 -1.53
CA SER B 130 -6.31 1.10 -2.65
C SER B 130 -6.29 -0.40 -2.42
N LYS B 131 -7.46 -1.00 -2.25
CA LYS B 131 -7.61 -2.45 -2.01
C LYS B 131 -8.20 -3.09 -3.26
N VAL B 132 -7.40 -3.89 -3.96
CA VAL B 132 -7.86 -4.61 -5.13
C VAL B 132 -8.36 -5.97 -4.69
N CYS B 133 -9.61 -6.28 -5.00
CA CYS B 133 -10.30 -7.46 -4.51
C CYS B 133 -10.70 -8.36 -5.66
N SER B 134 -10.54 -9.66 -5.49
CA SER B 134 -10.91 -10.63 -6.49
C SER B 134 -11.82 -11.65 -5.83
N PHE B 135 -13.08 -11.73 -6.28
CA PHE B 135 -14.06 -12.57 -5.58
C PHE B 135 -14.26 -12.07 -4.15
N GLY B 136 -14.24 -10.75 -3.97
CA GLY B 136 -14.40 -10.18 -2.66
C GLY B 136 -13.29 -10.48 -1.66
N LYS B 137 -12.11 -10.86 -2.13
CA LYS B 137 -10.96 -11.20 -1.29
C LYS B 137 -9.84 -10.25 -1.66
N GLN B 138 -9.33 -9.51 -0.69
CA GLN B 138 -8.25 -8.57 -0.98
C GLN B 138 -7.06 -9.31 -1.55
N VAL B 139 -6.52 -8.84 -2.66
CA VAL B 139 -5.37 -9.56 -3.23
C VAL B 139 -4.15 -8.66 -3.26
N VAL B 140 -4.38 -7.35 -3.37
CA VAL B 140 -3.34 -6.34 -3.34
C VAL B 140 -3.88 -5.11 -2.63
N GLU B 141 -3.04 -4.52 -1.79
CA GLU B 141 -3.31 -3.22 -1.18
C GLU B 141 -2.13 -2.30 -1.45
N LYS B 142 -2.42 -1.07 -1.85
CA LYS B 142 -1.42 -0.01 -1.96
C LYS B 142 -1.82 1.18 -1.10
N VAL B 143 -0.89 1.67 -0.29
CA VAL B 143 -1.16 2.77 0.63
C VAL B 143 -0.15 3.88 0.36
N GLU B 144 -0.65 5.13 0.24
CA GLU B 144 0.20 6.29 0.02
C GLU B 144 -0.28 7.44 0.88
N THR B 145 0.64 8.33 1.25
CA THR B 145 0.30 9.58 1.91
C THR B 145 0.76 10.76 1.08
N GLU B 146 0.03 11.86 1.16
CA GLU B 146 0.34 13.06 0.40
C GLU B 146 -0.13 14.27 1.22
N ARG B 147 0.76 15.25 1.39
CA ARG B 147 0.42 16.46 2.14
C ARG B 147 -0.03 17.56 1.21
N ALA B 148 -0.88 18.44 1.74
CA ALA B 148 -1.47 19.47 0.90
C ALA B 148 -0.40 20.35 0.29
N GLN B 149 -0.69 20.87 -0.89
CA GLN B 149 0.06 21.98 -1.45
C GLN B 149 -0.90 23.17 -1.54
N LEU B 150 -0.54 24.27 -0.86
CA LEU B 150 -1.32 25.51 -0.92
C LEU B 150 -1.24 26.09 -2.31
N GLU B 151 -2.34 26.05 -3.05
CA GLU B 151 -2.39 26.56 -4.42
C GLU B 151 -3.64 27.40 -4.62
N ASP B 152 -3.51 28.68 -4.32
CA ASP B 152 -4.54 29.65 -4.64
C ASP B 152 -5.69 29.45 -3.66
N GLY B 153 -5.54 29.94 -2.43
CA GLY B 153 -6.57 29.76 -1.40
C GLY B 153 -7.26 28.41 -1.47
N ARG B 154 -6.50 27.32 -1.32
CA ARG B 154 -7.00 26.01 -1.70
C ARG B 154 -5.84 25.04 -1.72
N PHE B 155 -6.04 23.87 -1.14
CA PHE B 155 -4.98 22.86 -1.01
C PHE B 155 -5.21 21.76 -2.03
N VAL B 156 -4.14 21.33 -2.70
CA VAL B 156 -4.22 20.30 -3.72
C VAL B 156 -3.36 19.11 -3.32
N TYR B 157 -3.86 17.91 -3.61
CA TYR B 157 -3.19 16.67 -3.26
C TYR B 157 -2.91 15.94 -4.56
N ARG B 158 -1.65 15.90 -4.96
CA ARG B 158 -1.29 15.34 -6.25
C ARG B 158 -0.55 14.04 -6.04
N LEU B 159 -1.11 12.96 -6.52
CA LEU B 159 -0.47 11.66 -6.53
C LEU B 159 -0.41 11.24 -8.00
N LEU B 160 0.47 11.86 -8.77
CA LEU B 160 0.42 11.72 -10.21
C LEU B 160 1.42 10.68 -10.66
N ARG B 161 1.06 9.94 -11.68
CA ARG B 161 1.96 8.99 -12.32
C ARG B 161 2.52 7.95 -11.34
N SER B 162 1.70 7.49 -10.38
CA SER B 162 2.15 6.34 -9.59
C SER B 162 2.25 5.15 -10.52
N PRO B 163 3.33 4.38 -10.46
CA PRO B 163 3.34 3.10 -11.20
C PRO B 163 2.19 2.18 -10.77
N MET B 164 1.45 1.71 -11.76
CA MET B 164 0.47 0.64 -11.55
C MET B 164 1.13 -0.59 -10.96
N CYS B 165 0.52 -1.16 -9.92
CA CYS B 165 1.16 -2.32 -9.31
C CYS B 165 1.17 -3.44 -10.32
N GLU B 166 2.27 -4.18 -10.37
CA GLU B 166 2.47 -5.16 -11.44
C GLU B 166 1.36 -6.20 -11.51
N TYR B 167 0.46 -6.26 -10.52
CA TYR B 167 -0.65 -7.21 -10.58
C TYR B 167 -1.74 -6.69 -11.51
N LEU B 168 -2.07 -5.40 -11.39
CA LEU B 168 -3.01 -4.82 -12.33
C LEU B 168 -2.49 -4.92 -13.74
N VAL B 169 -1.19 -4.68 -13.94
CA VAL B 169 -0.68 -4.65 -15.30
C VAL B 169 -0.81 -6.02 -15.93
N ASN B 170 -0.48 -7.06 -15.16
CA ASN B 170 -0.63 -8.40 -15.70
C ASN B 170 -2.11 -8.75 -15.85
N PHE B 171 -2.93 -8.39 -14.87
CA PHE B 171 -4.34 -8.70 -14.99
C PHE B 171 -4.91 -8.12 -16.27
N LEU B 172 -4.48 -6.90 -16.62
CA LEU B 172 -4.95 -6.25 -17.83
C LEU B 172 -4.42 -6.94 -19.07
N HIS B 173 -3.16 -7.31 -19.10
CA HIS B 173 -2.66 -8.02 -20.26
C HIS B 173 -3.45 -9.30 -20.47
N LYS B 174 -3.68 -10.05 -19.40
CA LYS B 174 -4.49 -11.25 -19.53
C LYS B 174 -5.89 -10.91 -20.00
N LEU B 175 -6.55 -9.98 -19.30
CA LEU B 175 -7.91 -9.66 -19.66
C LEU B 175 -8.02 -9.29 -21.14
N ARG B 176 -6.99 -8.69 -21.68
CA ARG B 176 -7.01 -8.19 -23.03
C ARG B 176 -7.05 -9.28 -24.06
N GLN B 177 -6.65 -10.48 -23.68
CA GLN B 177 -6.51 -11.55 -24.65
C GLN B 177 -7.73 -12.46 -24.72
N LEU B 178 -8.58 -12.46 -23.69
CA LEU B 178 -9.87 -13.16 -23.67
C LEU B 178 -10.53 -13.00 -25.03
N PRO B 179 -11.09 -14.09 -25.57
CA PRO B 179 -11.63 -14.05 -26.94
C PRO B 179 -12.92 -13.26 -27.08
N GLU B 180 -13.68 -13.07 -26.01
CA GLU B 180 -15.04 -12.53 -26.10
C GLU B 180 -15.22 -11.48 -25.03
N ARG B 181 -15.96 -10.42 -25.37
CA ARG B 181 -16.17 -9.31 -24.44
C ARG B 181 -17.03 -9.76 -23.26
N TYR B 182 -18.02 -10.61 -23.51
CA TYR B 182 -18.81 -11.11 -22.39
C TYR B 182 -17.95 -11.90 -21.42
N MET B 183 -16.84 -12.48 -21.89
CA MET B 183 -15.95 -13.21 -21.00
C MET B 183 -15.17 -12.23 -20.10
N MET B 184 -14.58 -11.19 -20.70
CA MET B 184 -13.98 -10.12 -19.90
C MET B 184 -14.97 -9.59 -18.89
N ASN B 185 -16.23 -9.46 -19.29
CA ASN B 185 -17.25 -8.98 -18.36
C ASN B 185 -17.58 -10.01 -17.28
N SER B 186 -17.60 -11.30 -17.62
CA SER B 186 -17.77 -12.30 -16.57
C SER B 186 -16.67 -12.17 -15.54
N VAL B 187 -15.42 -12.06 -16.01
CA VAL B 187 -14.27 -11.94 -15.11
C VAL B 187 -14.42 -10.68 -14.25
N LEU B 188 -14.83 -9.57 -14.86
CA LEU B 188 -14.89 -8.33 -14.09
C LEU B 188 -16.01 -8.34 -13.06
N GLU B 189 -17.04 -9.18 -13.23
CA GLU B 189 -18.07 -9.30 -12.20
C GLU B 189 -17.44 -9.47 -10.83
N ASN B 190 -16.33 -10.21 -10.78
CA ASN B 190 -15.68 -10.60 -9.54
C ASN B 190 -14.43 -9.79 -9.25
N PHE B 191 -14.34 -8.59 -9.78
CA PHE B 191 -13.13 -7.77 -9.66
C PHE B 191 -13.54 -6.38 -9.21
N THR B 192 -13.11 -5.98 -8.03
CA THR B 192 -13.47 -4.65 -7.54
C THR B 192 -12.27 -4.02 -6.85
N ILE B 193 -12.34 -2.70 -6.72
CA ILE B 193 -11.31 -1.92 -6.06
C ILE B 193 -12.01 -1.05 -5.04
N LEU B 194 -11.42 -0.93 -3.86
CA LEU B 194 -11.96 -0.09 -2.82
C LEU B 194 -10.90 0.91 -2.40
N GLN B 195 -11.21 2.19 -2.57
CA GLN B 195 -10.29 3.27 -2.28
C GLN B 195 -10.75 4.02 -1.04
N VAL B 196 -9.86 4.14 -0.06
CA VAL B 196 -10.18 4.80 1.21
C VAL B 196 -9.20 5.94 1.39
N VAL B 197 -9.71 7.17 1.46
CA VAL B 197 -8.90 8.36 1.73
C VAL B 197 -9.21 8.81 3.15
N THR B 198 -8.18 8.85 3.99
CA THR B 198 -8.38 9.16 5.38
C THR B 198 -7.47 10.32 5.74
N ASN B 199 -7.91 11.11 6.73
CA ASN B 199 -7.09 12.16 7.31
C ASN B 199 -6.00 11.49 8.13
N ARG B 200 -4.75 11.53 7.63
CA ARG B 200 -3.73 10.69 8.23
C ARG B 200 -3.48 11.04 9.69
N ASP B 201 -3.73 12.29 10.08
CA ASP B 201 -3.42 12.68 11.46
C ASP B 201 -4.54 12.33 12.43
N THR B 202 -5.77 12.21 11.93
CA THR B 202 -6.93 11.98 12.79
C THR B 202 -7.54 10.59 12.64
N GLN B 203 -7.24 9.88 11.57
CA GLN B 203 -7.79 8.60 11.20
C GLN B 203 -9.19 8.75 10.60
N GLU B 204 -9.78 9.95 10.64
CA GLU B 204 -11.06 10.19 9.97
C GLU B 204 -11.06 9.60 8.57
N LEU B 205 -12.15 8.93 8.23
CA LEU B 205 -12.44 8.67 6.82
C LEU B 205 -12.92 9.94 6.15
N LEU B 206 -12.36 10.25 4.97
CA LEU B 206 -12.83 11.42 4.23
C LEU B 206 -13.55 11.06 2.95
N LEU B 207 -13.18 9.97 2.31
CA LEU B 207 -13.76 9.60 1.03
C LEU B 207 -13.53 8.12 0.85
N CYS B 208 -14.60 7.39 0.52
CA CYS B 208 -14.51 5.96 0.26
C CYS B 208 -15.20 5.67 -1.06
N THR B 209 -14.44 5.15 -2.03
CA THR B 209 -14.94 4.86 -3.36
C THR B 209 -14.82 3.38 -3.64
N ALA B 210 -15.95 2.76 -4.02
CA ALA B 210 -16.00 1.39 -4.45
C ALA B 210 -16.09 1.39 -5.97
N TYR B 211 -15.23 0.63 -6.63
CA TYR B 211 -15.19 0.61 -8.08
C TYR B 211 -15.62 -0.75 -8.59
N VAL B 212 -16.55 -0.76 -9.55
CA VAL B 212 -16.92 -1.97 -10.26
C VAL B 212 -16.69 -1.71 -11.74
N PHE B 213 -16.54 -2.80 -12.51
CA PHE B 213 -16.01 -2.72 -13.87
C PHE B 213 -16.83 -3.54 -14.87
N GLU B 214 -16.88 -3.05 -16.10
CA GLU B 214 -17.16 -3.80 -17.31
C GLU B 214 -16.15 -3.32 -18.35
N VAL B 215 -16.17 -3.93 -19.54
CA VAL B 215 -15.34 -3.41 -20.63
C VAL B 215 -16.23 -2.65 -21.59
N SER B 216 -15.67 -1.58 -22.11
CA SER B 216 -16.32 -0.85 -23.17
C SER B 216 -15.85 -1.41 -24.51
N THR B 217 -16.63 -1.12 -25.54
CA THR B 217 -16.36 -1.67 -26.86
C THR B 217 -15.16 -0.95 -27.51
N SER B 218 -14.82 -1.37 -28.73
CA SER B 218 -13.68 -0.78 -29.43
C SER B 218 -13.92 0.70 -29.66
N GLU B 219 -14.92 1.00 -30.49
CA GLU B 219 -15.19 2.35 -30.93
C GLU B 219 -15.63 3.28 -29.81
N ARG B 220 -15.94 2.76 -28.62
CA ARG B 220 -16.33 3.57 -27.49
C ARG B 220 -15.20 3.56 -26.47
N GLY B 221 -14.87 4.73 -25.95
CA GLY B 221 -13.83 4.85 -24.96
C GLY B 221 -14.36 4.67 -23.56
N ALA B 222 -13.50 4.96 -22.60
CA ALA B 222 -13.86 4.81 -21.20
C ALA B 222 -15.04 5.71 -20.85
N GLN B 223 -15.90 5.23 -19.98
CA GLN B 223 -17.01 6.02 -19.47
C GLN B 223 -17.19 5.60 -18.03
N HIS B 224 -17.92 6.41 -17.28
CA HIS B 224 -18.14 6.04 -15.89
C HIS B 224 -19.49 6.59 -15.48
N HIS B 225 -19.95 6.14 -14.32
CA HIS B 225 -21.21 6.60 -13.75
C HIS B 225 -20.98 6.55 -12.26
N ILE B 226 -21.07 7.72 -11.61
CA ILE B 226 -20.85 7.84 -10.17
C ILE B 226 -22.19 7.80 -9.46
N TYR B 227 -22.26 7.01 -8.40
CA TYR B 227 -23.46 6.95 -7.57
C TYR B 227 -23.11 7.32 -6.14
N ARG B 228 -24.12 7.77 -5.40
CA ARG B 228 -24.02 7.91 -3.96
C ARG B 228 -24.43 6.60 -3.31
N LEU B 229 -23.57 6.06 -2.44
CA LEU B 229 -23.92 4.87 -1.66
C LEU B 229 -24.71 5.28 -0.43
N VAL B 230 -25.94 4.76 -0.33
CA VAL B 230 -26.89 5.05 0.73
C VAL B 230 -27.35 3.73 1.34
N ARG B 231 -28.01 3.82 2.50
CA ARG B 231 -28.50 2.64 3.21
C ARG B 231 -29.74 3.06 4.00
N ASP B 232 -30.80 3.34 3.26
CA ASP B 232 -32.05 3.80 3.83
C ASP B 232 -32.72 2.73 4.69
C13 A1H3W C . 5.56 -5.41 10.53
C17 A1H3W C . 4.89 -9.45 12.70
C20 A1H3W C . 4.33 -12.11 11.82
C21 A1H3W C . 4.78 -11.85 13.11
C22 A1H3W C . 5.05 -10.53 13.54
C24 A1H3W C . 8.16 -6.47 10.98
C01 A1H3W C . 4.15 -0.39 8.35
C06 A1H3W C . 4.53 -3.19 8.27
C07 A1H3W C . 6.05 -2.86 8.17
C08 A1H3W C . 6.93 -3.79 8.87
C09 A1H3W C . 8.32 -3.81 8.64
C11 A1H3W C . 7.96 -5.44 10.11
C12 A1H3W C . 6.66 -4.86 9.85
C14 A1H3W C . 5.78 -6.49 11.41
C16 A1H3W C . 5.17 -8.00 13.09
C18 A1H3W C . 4.48 -9.72 11.39
C19 A1H3W C . 4.19 -11.01 10.97
C23 A1H3W C . 7.09 -6.98 11.60
N05 A1H3W C . 3.69 -2.62 7.18
N10 A1H3W C . 8.91 -4.81 9.39
O03 A1H3W C . 2.54 -0.61 6.30
O04 A1H3W C . 1.89 -1.77 8.35
O15 A1H3W C . 4.72 -7.09 12.11
S02 A1H3W C . 2.93 -1.30 7.49
H1 A1H3W C . 4.71 -5.07 10.38
H2 A1H3W C . 4.13 -12.97 11.54
H3 A1H3W C . 4.88 -12.57 13.69
H4 A1H3W C . 5.35 -10.42 14.41
H5 A1H3W C . 9.01 -6.81 11.13
H6 A1H3W C . 4.29 -0.57 9.27
H7 A1H3W C . 5.04 -0.44 8.06
H8 A1H3W C . 4.08 0.54 8.40
H9 A1H3W C . 4.22 -2.91 9.10
H10 A1H3W C . 4.43 -4.13 8.28
H11 A1H3W C . 6.32 -2.81 7.27
H12 A1H3W C . 6.21 -1.99 8.48
H13 A1H3W C . 8.85 -3.29 8.08
H14 A1H3W C . 4.77 -7.81 13.91
H15 A1H3W C . 6.10 -7.88 13.23
H16 A1H3W C . 4.37 -9.05 10.76
H17 A1H3W C . 3.91 -11.19 10.09
H18 A1H3W C . 7.22 -7.70 12.17
H19 A1H3W C . 3.68 -3.06 6.43
H20 A1H3W C . 9.77 -4.98 9.39
C13 A1H3W D . -6.80 1.44 -10.83
C17 A1H3W D . -8.34 -0.82 -14.58
C20 A1H3W D . -9.68 -3.27 -15.18
C21 A1H3W D . -8.87 -3.12 -14.03
C22 A1H3W D . -8.21 -1.92 -13.75
C24 A1H3W D . -9.56 2.02 -11.14
C01 A1H3W D . -1.41 1.28 -6.61
C06 A1H3W D . -4.94 1.28 -8.14
C07 A1H3W D . -5.91 2.36 -7.61
C08 A1H3W D . -7.18 2.40 -8.37
C09 A1H3W D . -8.37 2.91 -7.81
C11 A1H3W D . -8.90 2.30 -9.94
C12 A1H3W D . -7.49 2.00 -9.74
C14 A1H3W D . -7.48 1.19 -12.02
C16 A1H3W D . -7.64 0.52 -14.33
C18 A1H3W D . -9.15 -0.99 -15.71
C19 A1H3W D . -9.81 -2.17 -16.02
C23 A1H3W D . -8.85 1.47 -12.16
N05 A1H3W D . -3.53 1.65 -8.09
N10 A1H3W D . -9.41 2.84 -8.76
O03 A1H3W D . -1.53 0.38 -8.96
O04 A1H3W D . -3.01 -0.64 -7.29
O15 A1H3W D . -6.84 0.64 -13.10
S02 A1H3W D . -2.36 0.54 -7.81
#